data_5FFV
#
_entry.id   5FFV
#
_cell.length_a   74.266
_cell.length_b   74.354
_cell.length_c   49.509
_cell.angle_alpha   90.00
_cell.angle_beta   90.00
_cell.angle_gamma   90.00
#
_symmetry.space_group_name_H-M   'P 21 21 2'
#
loop_
_entity.id
_entity.type
_entity.pdbx_description
1 polymer Peregrin
2 polymer 'Histone H3'
3 non-polymer 1,2-ETHANEDIOL
4 water water
#
loop_
_entity_poly.entity_id
_entity_poly.type
_entity_poly.pdbx_seq_one_letter_code
_entity_poly.pdbx_strand_id
1 'polypeptide(L)'
;SMEMQLTPFLILLRKTLEQLQEKDTGNIFSEPVPLSEVPDYLDHIKKPMDFFTMKQNLEAYRYLNFDDFEEDFNLIVSNC
LKYNAKDTIFYRAAVRLREQGGAVLRQARRQAEKMG
;
A,B
2 'polypeptide(L)' KSTGG(ALY)APRKQ C,D
#
# COMPACT_ATOMS: atom_id res chain seq x y z
N GLN A 5 -14.30 -13.26 -20.22
CA GLN A 5 -14.56 -14.72 -20.05
C GLN A 5 -14.12 -15.18 -18.65
N LEU A 6 -15.08 -15.74 -17.92
CA LEU A 6 -14.92 -16.06 -16.52
C LEU A 6 -13.83 -17.08 -16.32
N THR A 7 -13.84 -18.15 -17.09
CA THR A 7 -12.94 -19.25 -16.83
C THR A 7 -11.44 -18.87 -16.91
N PRO A 8 -11.01 -18.20 -17.98
CA PRO A 8 -9.60 -17.80 -18.06
C PRO A 8 -9.21 -16.74 -17.02
N PHE A 9 -10.17 -15.90 -16.64
CA PHE A 9 -9.90 -14.92 -15.60
C PHE A 9 -9.67 -15.64 -14.27
N LEU A 10 -10.47 -16.64 -13.95
CA LEU A 10 -10.30 -17.38 -12.71
C LEU A 10 -8.96 -18.12 -12.73
N ILE A 11 -8.56 -18.66 -13.88
CA ILE A 11 -7.28 -19.34 -13.97
C ILE A 11 -6.16 -18.32 -13.65
N LEU A 12 -6.29 -17.12 -14.20
CA LEU A 12 -5.30 -16.06 -13.93
C LEU A 12 -5.28 -15.68 -12.46
N LEU A 13 -6.44 -15.53 -11.84
CA LEU A 13 -6.47 -15.19 -10.43
C LEU A 13 -5.89 -16.31 -9.57
N ARG A 14 -6.12 -17.57 -9.93
CA ARG A 14 -5.52 -18.66 -9.17
C ARG A 14 -4.02 -18.60 -9.23
N LYS A 15 -3.51 -18.39 -10.43
CA LYS A 15 -2.07 -18.28 -10.61
C LYS A 15 -1.48 -17.09 -9.79
N THR A 16 -2.17 -15.96 -9.86
CA THR A 16 -1.75 -14.75 -9.16
C THR A 16 -1.78 -14.97 -7.66
N LEU A 17 -2.82 -15.64 -7.17
CA LEU A 17 -2.92 -15.88 -5.75
C LEU A 17 -1.78 -16.78 -5.26
N GLU A 18 -1.42 -17.79 -6.07
CA GLU A 18 -0.26 -18.64 -5.74
C GLU A 18 1.03 -17.83 -5.71
N GLN A 19 1.19 -16.93 -6.68
CA GLN A 19 2.36 -16.07 -6.68
C GLN A 19 2.43 -15.17 -5.43
N LEU A 20 1.30 -14.63 -5.00
CA LEU A 20 1.27 -13.80 -3.80
C LEU A 20 1.57 -14.63 -2.56
N GLN A 21 0.96 -15.81 -2.49
CA GLN A 21 1.18 -16.67 -1.33
C GLN A 21 2.63 -17.12 -1.23
N GLU A 22 3.31 -17.30 -2.35
CA GLU A 22 4.75 -17.63 -2.32
C GLU A 22 5.59 -16.55 -1.65
N LYS A 23 5.11 -15.30 -1.65
CA LYS A 23 5.80 -14.22 -0.96
C LYS A 23 5.62 -14.31 0.55
N ASP A 24 4.65 -15.07 1.03
CA ASP A 24 4.42 -15.20 2.47
C ASP A 24 5.38 -16.25 3.04
N THR A 25 6.66 -15.87 3.06
CA THR A 25 7.71 -16.81 3.49
C THR A 25 7.64 -17.12 4.98
N GLY A 26 7.02 -16.25 5.77
CA GLY A 26 6.78 -16.54 7.17
C GLY A 26 5.55 -17.36 7.48
N ASN A 27 4.75 -17.66 6.44
CA ASN A 27 3.48 -18.35 6.64
C ASN A 27 2.63 -17.66 7.70
N ILE A 28 2.57 -16.34 7.56
CA ILE A 28 1.86 -15.47 8.51
C ILE A 28 0.45 -15.14 8.04
N PHE A 29 0.22 -15.17 6.73
CA PHE A 29 -1.03 -14.64 6.12
C PHE A 29 -1.83 -15.72 5.42
N SER A 30 -1.50 -16.98 5.66
CA SER A 30 -2.05 -18.06 4.85
C SER A 30 -3.37 -18.58 5.32
N GLU A 31 -3.70 -18.35 6.58
CA GLU A 31 -4.99 -18.77 7.17
C GLU A 31 -5.49 -17.65 8.05
N PRO A 32 -6.78 -17.66 8.38
CA PRO A 32 -7.30 -16.60 9.24
C PRO A 32 -6.51 -16.44 10.53
N VAL A 33 -6.44 -15.22 11.03
CA VAL A 33 -5.84 -14.98 12.34
C VAL A 33 -6.69 -15.79 13.34
N PRO A 34 -6.08 -16.68 14.13
CA PRO A 34 -6.88 -17.57 14.98
C PRO A 34 -7.40 -16.83 16.21
N LEU A 35 -8.72 -16.78 16.37
CA LEU A 35 -9.33 -16.13 17.53
C LEU A 35 -9.00 -16.85 18.86
N SER A 36 -8.63 -18.12 18.79
CA SER A 36 -8.20 -18.84 19.99
C SER A 36 -6.92 -18.24 20.56
N GLU A 37 -6.09 -17.65 19.70
CA GLU A 37 -4.83 -17.05 20.10
C GLU A 37 -4.93 -15.52 20.23
N VAL A 38 -5.86 -14.89 19.50
CA VAL A 38 -5.96 -13.43 19.43
C VAL A 38 -7.42 -13.04 19.67
N PRO A 39 -7.88 -13.14 20.95
CA PRO A 39 -9.33 -13.10 21.18
C PRO A 39 -10.03 -11.81 20.84
N ASP A 40 -9.28 -10.70 20.85
CA ASP A 40 -9.84 -9.37 20.56
C ASP A 40 -9.74 -8.92 19.09
N TYR A 41 -9.31 -9.81 18.22
CA TYR A 41 -9.01 -9.43 16.83
C TYR A 41 -10.18 -8.73 16.16
N LEU A 42 -11.37 -9.28 16.31
CA LEU A 42 -12.58 -8.71 15.69
C LEU A 42 -13.06 -7.40 16.30
N ASP A 43 -12.61 -7.07 17.51
CA ASP A 43 -12.94 -5.75 18.08
C ASP A 43 -12.31 -4.65 17.24
N HIS A 44 -11.21 -4.97 16.57
CA HIS A 44 -10.38 -4.01 15.84
C HIS A 44 -10.49 -4.11 14.34
N ILE A 45 -10.67 -5.30 13.81
CA ILE A 45 -10.57 -5.56 12.38
C ILE A 45 -11.96 -5.94 11.89
N LYS A 46 -12.53 -5.06 11.07
CA LYS A 46 -13.90 -5.24 10.57
C LYS A 46 -14.05 -6.34 9.51
N LYS A 47 -13.04 -6.52 8.66
CA LYS A 47 -13.10 -7.52 7.62
C LYS A 47 -11.78 -8.27 7.56
N PRO A 48 -11.65 -9.32 8.38
CA PRO A 48 -10.45 -10.15 8.34
C PRO A 48 -10.23 -10.70 6.95
N MET A 49 -8.98 -10.88 6.56
CA MET A 49 -8.66 -11.50 5.30
C MET A 49 -7.35 -12.27 5.39
N ASP A 50 -7.19 -13.27 4.54
CA ASP A 50 -6.01 -14.12 4.49
C ASP A 50 -6.05 -14.87 3.16
N PHE A 51 -4.96 -15.55 2.82
CA PHE A 51 -4.92 -16.21 1.52
C PHE A 51 -5.87 -17.41 1.36
N PHE A 52 -6.12 -18.16 2.43
CA PHE A 52 -7.09 -19.26 2.36
C PHE A 52 -8.48 -18.71 2.08
N THR A 53 -8.88 -17.65 2.77
CA THR A 53 -10.16 -17.04 2.52
C THR A 53 -10.25 -16.46 1.11
N MET A 54 -9.17 -15.87 0.61
CA MET A 54 -9.17 -15.39 -0.77
C MET A 54 -9.39 -16.55 -1.74
N LYS A 55 -8.75 -17.69 -1.50
CA LYS A 55 -8.97 -18.86 -2.37
C LYS A 55 -10.45 -19.30 -2.36
N GLN A 56 -11.06 -19.29 -1.17
CA GLN A 56 -12.49 -19.68 -1.07
C GLN A 56 -13.32 -18.66 -1.84
N ASN A 57 -13.03 -17.37 -1.68
CA ASN A 57 -13.78 -16.34 -2.37
C ASN A 57 -13.64 -16.46 -3.88
N LEU A 58 -12.43 -16.81 -4.34
CA LEU A 58 -12.17 -16.95 -5.77
C LEU A 58 -13.08 -18.03 -6.35
N GLU A 59 -13.12 -19.19 -5.70
CA GLU A 59 -13.92 -20.30 -6.25
C GLU A 59 -15.43 -20.07 -6.10
N ALA A 60 -15.81 -19.23 -5.14
CA ALA A 60 -17.18 -18.80 -4.96
C ALA A 60 -17.60 -17.61 -5.83
N TYR A 61 -16.78 -17.26 -6.83
CA TYR A 61 -17.12 -16.20 -7.78
C TYR A 61 -17.30 -14.82 -7.13
N ARG A 62 -16.53 -14.57 -6.08
CA ARG A 62 -16.54 -13.26 -5.42
C ARG A 62 -15.62 -12.26 -6.11
N TYR A 63 -14.71 -12.73 -6.94
CA TYR A 63 -13.79 -11.83 -7.69
C TYR A 63 -14.13 -11.97 -9.17
N LEU A 64 -14.84 -10.98 -9.69
CA LEU A 64 -15.22 -10.94 -11.09
C LEU A 64 -14.51 -9.86 -11.87
N ASN A 65 -13.65 -9.11 -11.18
CA ASN A 65 -12.76 -8.10 -11.80
C ASN A 65 -11.49 -8.07 -10.95
N PHE A 66 -10.42 -7.56 -11.52
CA PHE A 66 -9.13 -7.55 -10.84
C PHE A 66 -9.15 -6.65 -9.60
N ASP A 67 -9.89 -5.55 -9.66
CA ASP A 67 -9.92 -4.61 -8.57
C ASP A 67 -10.37 -5.26 -7.27
N ASP A 68 -11.39 -6.09 -7.33
CA ASP A 68 -11.92 -6.65 -6.09
C ASP A 68 -10.94 -7.66 -5.50
N PHE A 69 -10.22 -8.38 -6.37
CA PHE A 69 -9.13 -9.28 -5.93
C PHE A 69 -8.01 -8.49 -5.24
N GLU A 70 -7.54 -7.43 -5.90
CA GLU A 70 -6.44 -6.61 -5.36
C GLU A 70 -6.87 -5.97 -4.04
N GLU A 71 -8.11 -5.52 -3.96
N GLU A 71 -8.09 -5.51 -3.92
CA GLU A 71 -8.67 -4.94 -2.74
CA GLU A 71 -8.49 -4.88 -2.67
C GLU A 71 -8.45 -5.89 -1.55
C GLU A 71 -8.49 -5.89 -1.50
N ASP A 72 -8.76 -7.17 -1.72
CA ASP A 72 -8.61 -8.15 -0.62
C ASP A 72 -7.17 -8.45 -0.28
N PHE A 73 -6.26 -8.48 -1.25
CA PHE A 73 -4.85 -8.57 -0.91
C PHE A 73 -4.46 -7.37 -0.06
N ASN A 74 -4.87 -6.17 -0.49
CA ASN A 74 -4.53 -4.98 0.25
C ASN A 74 -5.07 -4.98 1.67
N LEU A 75 -6.20 -5.64 1.87
CA LEU A 75 -6.74 -5.78 3.23
C LEU A 75 -5.91 -6.69 4.10
N ILE A 76 -5.37 -7.78 3.55
CA ILE A 76 -4.46 -8.62 4.30
C ILE A 76 -3.40 -7.73 4.94
N VAL A 77 -2.79 -6.88 4.11
CA VAL A 77 -1.72 -6.01 4.56
C VAL A 77 -2.25 -4.96 5.55
N SER A 78 -3.29 -4.23 5.17
CA SER A 78 -3.71 -3.10 6.00
C SER A 78 -4.27 -3.55 7.33
N ASN A 79 -4.94 -4.70 7.36
CA ASN A 79 -5.42 -5.21 8.64
C ASN A 79 -4.26 -5.51 9.57
N CYS A 80 -3.19 -6.08 9.02
CA CYS A 80 -2.03 -6.43 9.83
C CYS A 80 -1.32 -5.20 10.38
N LEU A 81 -1.13 -4.19 9.54
CA LEU A 81 -0.57 -2.93 10.01
C LEU A 81 -1.43 -2.30 11.08
N LYS A 82 -2.74 -2.39 10.92
CA LYS A 82 -3.64 -1.78 11.89
C LYS A 82 -3.61 -2.53 13.23
N TYR A 83 -3.64 -3.84 13.21
CA TYR A 83 -3.77 -4.61 14.45
C TYR A 83 -2.49 -4.65 15.26
N ASN A 84 -1.34 -4.81 14.60
CA ASN A 84 -0.09 -5.11 15.27
C ASN A 84 0.76 -3.88 15.51
N ALA A 85 1.53 -3.89 16.60
CA ALA A 85 2.45 -2.79 16.86
C ALA A 85 3.56 -2.80 15.80
N LYS A 86 4.14 -1.64 15.55
CA LYS A 86 5.12 -1.48 14.49
C LYS A 86 6.35 -2.38 14.71
N ASP A 87 6.72 -2.60 15.96
CA ASP A 87 7.94 -3.36 16.30
C ASP A 87 7.86 -4.88 16.10
N THR A 88 6.68 -5.39 15.78
CA THR A 88 6.43 -6.84 15.70
C THR A 88 6.82 -7.41 14.35
N ILE A 89 7.11 -8.70 14.31
CA ILE A 89 7.43 -9.33 13.05
C ILE A 89 6.19 -9.36 12.16
N PHE A 90 5.00 -9.42 12.77
CA PHE A 90 3.78 -9.39 11.99
C PHE A 90 3.67 -8.12 11.16
N TYR A 91 3.86 -6.97 11.80
CA TYR A 91 3.79 -5.70 11.08
C TYR A 91 4.86 -5.65 10.02
N ARG A 92 6.09 -6.01 10.38
CA ARG A 92 7.21 -5.93 9.44
C ARG A 92 7.03 -6.89 8.28
N ALA A 93 6.46 -8.06 8.55
CA ALA A 93 6.18 -9.03 7.49
C ALA A 93 5.13 -8.47 6.54
N ALA A 94 4.13 -7.73 7.05
CA ALA A 94 3.13 -7.15 6.16
C ALA A 94 3.70 -6.07 5.27
N VAL A 95 4.61 -5.26 5.80
CA VAL A 95 5.28 -4.27 4.98
C VAL A 95 6.04 -4.97 3.84
N ARG A 96 6.76 -6.04 4.17
N ARG A 96 6.75 -6.03 4.15
CA ARG A 96 7.48 -6.80 3.16
CA ARG A 96 7.47 -6.75 3.09
C ARG A 96 6.54 -7.43 2.13
C ARG A 96 6.54 -7.48 2.12
N LEU A 97 5.41 -7.99 2.60
CA LEU A 97 4.43 -8.59 1.71
C LEU A 97 3.88 -7.58 0.71
N ARG A 98 3.56 -6.40 1.19
CA ARG A 98 3.14 -5.34 0.27
C ARG A 98 4.20 -5.07 -0.80
N GLU A 99 5.42 -4.89 -0.33
CA GLU A 99 6.53 -4.56 -1.25
C GLU A 99 6.70 -5.65 -2.28
N GLN A 100 6.66 -6.90 -1.87
CA GLN A 100 6.87 -8.03 -2.79
C GLN A 100 5.66 -8.31 -3.66
N GLY A 101 4.47 -8.08 -3.12
CA GLY A 101 3.28 -8.29 -3.90
C GLY A 101 3.08 -7.30 -5.01
N GLY A 102 3.72 -6.12 -4.94
CA GLY A 102 3.48 -5.07 -5.91
C GLY A 102 3.71 -5.50 -7.33
N ALA A 103 4.86 -6.11 -7.60
CA ALA A 103 5.20 -6.53 -8.95
C ALA A 103 4.26 -7.63 -9.42
N VAL A 104 3.88 -8.53 -8.51
CA VAL A 104 2.97 -9.60 -8.86
C VAL A 104 1.63 -9.05 -9.33
N LEU A 105 1.08 -8.10 -8.55
CA LEU A 105 -0.20 -7.48 -8.91
C LEU A 105 -0.12 -6.62 -10.17
N ARG A 106 1.00 -5.93 -10.35
CA ARG A 106 1.17 -5.10 -11.54
C ARG A 106 1.17 -5.92 -12.82
N GLN A 107 1.91 -7.02 -12.82
CA GLN A 107 1.97 -7.89 -13.98
C GLN A 107 0.63 -8.55 -14.23
N ALA A 108 0.00 -9.04 -13.17
CA ALA A 108 -1.25 -9.78 -13.32
C ALA A 108 -2.36 -8.88 -13.82
N ARG A 109 -2.40 -7.63 -13.37
CA ARG A 109 -3.39 -6.69 -13.85
C ARG A 109 -3.24 -6.49 -15.38
N ARG A 110 -2.01 -6.38 -15.86
CA ARG A 110 -1.82 -6.23 -17.31
C ARG A 110 -2.32 -7.45 -18.07
N GLN A 111 -2.10 -8.64 -17.53
CA GLN A 111 -2.63 -9.83 -18.17
C GLN A 111 -4.16 -9.82 -18.17
N ALA A 112 -4.78 -9.38 -17.09
CA ALA A 112 -6.24 -9.30 -17.01
C ALA A 112 -6.78 -8.29 -18.00
N GLU A 113 -6.05 -7.19 -18.18
CA GLU A 113 -6.53 -6.07 -18.97
C GLU A 113 -6.11 -6.28 -20.46
N LYS A 114 -5.55 -7.45 -20.79
CA LYS A 114 -5.46 -7.98 -22.18
C LYS A 114 -6.73 -8.76 -22.57
N MET A 115 -7.47 -9.28 -21.58
CA MET A 115 -8.67 -10.10 -21.84
C MET A 115 -9.83 -9.20 -22.30
N LEU B 6 6.19 11.31 -24.74
CA LEU B 6 6.78 12.00 -23.55
C LEU B 6 5.99 13.23 -23.11
N THR B 7 5.73 14.14 -24.05
CA THR B 7 5.03 15.37 -23.72
C THR B 7 3.63 15.09 -23.16
N PRO B 8 2.84 14.25 -23.86
CA PRO B 8 1.54 13.81 -23.31
C PRO B 8 1.66 13.02 -22.00
N PHE B 9 2.73 12.27 -21.83
CA PHE B 9 2.91 11.53 -20.58
C PHE B 9 3.16 12.48 -19.41
N LEU B 10 3.99 13.50 -19.61
CA LEU B 10 4.24 14.50 -18.58
C LEU B 10 2.99 15.30 -18.21
N ILE B 11 2.17 15.60 -19.21
CA ILE B 11 0.90 16.25 -19.00
C ILE B 11 0.04 15.35 -18.08
N LEU B 12 0.00 14.07 -18.40
CA LEU B 12 -0.73 13.10 -17.58
C LEU B 12 -0.22 13.06 -16.11
N LEU B 13 1.09 13.06 -15.96
CA LEU B 13 1.68 13.06 -14.62
C LEU B 13 1.37 14.34 -13.85
N ARG B 14 1.42 15.50 -14.52
CA ARG B 14 1.04 16.74 -13.86
C ARG B 14 -0.39 16.70 -13.34
N LYS B 15 -1.29 16.26 -14.20
CA LYS B 15 -2.67 16.11 -13.78
C LYS B 15 -2.84 15.11 -12.61
N THR B 16 -2.14 13.99 -12.71
CA THR B 16 -2.20 12.96 -11.67
C THR B 16 -1.65 13.49 -10.34
N LEU B 17 -0.57 14.27 -10.41
CA LEU B 17 0.01 14.84 -9.21
C LEU B 17 -0.97 15.82 -8.57
N GLU B 18 -1.65 16.64 -9.39
CA GLU B 18 -2.68 17.52 -8.86
C GLU B 18 -3.81 16.75 -8.15
N GLN B 19 -4.24 15.65 -8.77
CA GLN B 19 -5.25 14.81 -8.16
C GLN B 19 -4.81 14.19 -6.81
N LEU B 20 -3.53 13.81 -6.72
CA LEU B 20 -2.97 13.31 -5.45
C LEU B 20 -2.97 14.37 -4.36
N GLN B 21 -2.62 15.60 -4.72
CA GLN B 21 -2.59 16.68 -3.74
C GLN B 21 -3.96 17.06 -3.24
N GLU B 22 -4.98 16.88 -4.10
CA GLU B 22 -6.35 17.10 -3.70
C GLU B 22 -6.79 16.13 -2.59
N LYS B 23 -6.08 15.00 -2.49
CA LYS B 23 -6.31 14.08 -1.36
C LYS B 23 -5.59 14.50 -0.06
N ASP B 24 -5.00 15.71 -0.02
CA ASP B 24 -4.13 16.19 1.09
C ASP B 24 -4.35 17.68 1.29
N THR B 25 -5.62 18.10 1.54
CA THR B 25 -5.92 19.53 1.77
C THR B 25 -5.37 20.02 3.10
N GLY B 26 -5.06 19.09 3.99
CA GLY B 26 -4.44 19.42 5.24
C GLY B 26 -2.96 19.63 5.08
N ASN B 27 -2.44 19.45 3.86
CA ASN B 27 -1.08 19.86 3.51
C ASN B 27 -0.06 19.19 4.39
N ILE B 28 -0.26 17.90 4.69
CA ILE B 28 0.70 17.14 5.45
C ILE B 28 1.90 16.72 4.58
N PHE B 29 1.65 16.50 3.30
CA PHE B 29 2.64 15.90 2.40
C PHE B 29 3.12 16.86 1.31
N SER B 30 2.78 18.14 1.45
CA SER B 30 2.98 19.12 0.38
C SER B 30 4.42 19.54 0.21
N GLU B 31 5.20 19.49 1.28
CA GLU B 31 6.58 19.99 1.27
C GLU B 31 7.45 19.06 2.06
N PRO B 32 8.78 19.11 1.87
CA PRO B 32 9.63 18.19 2.63
C PRO B 32 9.40 18.27 4.13
N VAL B 33 9.51 17.14 4.81
CA VAL B 33 9.59 17.16 6.27
C VAL B 33 10.79 18.07 6.61
N PRO B 34 10.59 19.04 7.52
CA PRO B 34 11.70 19.99 7.81
C PRO B 34 12.80 19.32 8.66
N LEU B 35 13.86 18.90 8.01
CA LEU B 35 14.89 18.08 8.67
C LEU B 35 15.55 18.78 9.85
N SER B 36 15.72 20.10 9.77
CA SER B 36 16.29 20.85 10.87
C SER B 36 15.49 20.64 12.15
N GLU B 37 14.17 20.50 12.00
CA GLU B 37 13.25 20.31 13.14
C GLU B 37 13.13 18.87 13.62
N VAL B 38 13.57 17.93 12.81
CA VAL B 38 13.36 16.51 13.04
C VAL B 38 14.71 15.84 12.85
N PRO B 39 15.63 16.05 13.80
CA PRO B 39 17.02 15.65 13.56
C PRO B 39 17.29 14.14 13.51
N ASP B 40 16.33 13.32 13.94
CA ASP B 40 16.48 11.88 13.82
C ASP B 40 15.77 11.34 12.58
N TYR B 41 15.25 12.22 11.71
CA TYR B 41 14.44 11.73 10.57
C TYR B 41 15.29 10.88 9.61
N LEU B 42 16.49 11.36 9.27
CA LEU B 42 17.40 10.64 8.36
C LEU B 42 18.06 9.42 9.00
N ASP B 43 17.91 9.26 10.32
CA ASP B 43 18.33 8.00 10.95
C ASP B 43 17.38 6.86 10.59
N HIS B 44 16.14 7.19 10.25
CA HIS B 44 15.12 6.17 9.95
C HIS B 44 14.73 6.09 8.49
N ILE B 45 14.81 7.21 7.79
CA ILE B 45 14.28 7.34 6.43
C ILE B 45 15.42 7.57 5.44
N LYS B 46 15.58 6.63 4.51
CA LYS B 46 16.66 6.64 3.54
C LYS B 46 16.46 7.76 2.51
N LYS B 47 15.21 7.92 2.04
CA LYS B 47 14.90 8.87 0.98
C LYS B 47 13.56 9.59 1.22
N PRO B 48 13.65 10.76 1.84
CA PRO B 48 12.47 11.60 2.05
C PRO B 48 11.77 11.90 0.72
N MET B 49 10.46 12.07 0.74
CA MET B 49 9.74 12.49 -0.46
C MET B 49 8.52 13.30 -0.07
N ASP B 50 8.04 14.15 -0.98
CA ASP B 50 6.86 15.00 -0.73
C ASP B 50 6.37 15.49 -2.09
N PHE B 51 5.18 16.08 -2.15
CA PHE B 51 4.63 16.47 -3.43
C PHE B 51 5.37 17.60 -4.16
N PHE B 52 5.96 18.54 -3.44
CA PHE B 52 6.70 19.62 -4.10
C PHE B 52 7.93 19.01 -4.78
N THR B 53 8.64 18.16 -4.08
CA THR B 53 9.78 17.48 -4.67
C THR B 53 9.36 16.66 -5.89
N MET B 54 8.21 15.99 -5.83
CA MET B 54 7.74 15.22 -6.99
C MET B 54 7.50 16.16 -8.18
N LYS B 55 6.93 17.33 -7.93
CA LYS B 55 6.70 18.30 -9.00
C LYS B 55 8.01 18.73 -9.62
N GLN B 56 9.01 19.00 -8.79
CA GLN B 56 10.34 19.36 -9.32
C GLN B 56 10.95 18.22 -10.14
N ASN B 57 10.84 16.99 -9.61
CA ASN B 57 11.32 15.83 -10.32
C ASN B 57 10.63 15.60 -11.67
N LEU B 58 9.33 15.84 -11.72
CA LEU B 58 8.56 15.65 -12.92
C LEU B 58 9.11 16.56 -14.03
N GLU B 59 9.29 17.84 -13.69
CA GLU B 59 9.78 18.81 -14.68
C GLU B 59 11.22 18.51 -15.09
N ALA B 60 12.02 17.88 -14.22
CA ALA B 60 13.42 17.53 -14.54
C ALA B 60 13.54 16.15 -15.17
N TYR B 61 12.44 15.60 -15.66
CA TYR B 61 12.41 14.35 -16.43
C TYR B 61 12.86 13.12 -15.64
N ARG B 62 12.55 13.10 -14.33
CA ARG B 62 12.91 11.95 -13.49
C ARG B 62 11.89 10.82 -13.59
N TYR B 63 10.71 11.12 -14.10
CA TYR B 63 9.63 10.12 -14.24
C TYR B 63 9.37 9.89 -15.73
N LEU B 64 9.93 8.80 -16.25
CA LEU B 64 9.82 8.44 -17.67
C LEU B 64 8.88 7.29 -17.93
N ASN B 65 8.49 6.62 -16.85
CA ASN B 65 7.42 5.66 -16.94
C ASN B 65 6.58 5.79 -15.69
N PHE B 66 5.41 5.16 -15.70
CA PHE B 66 4.49 5.30 -14.59
C PHE B 66 5.04 4.68 -13.31
N ASP B 67 5.81 3.59 -13.42
CA ASP B 67 6.40 2.96 -12.23
C ASP B 67 7.27 3.91 -11.41
N ASP B 68 8.08 4.73 -12.07
CA ASP B 68 8.97 5.58 -11.31
C ASP B 68 8.21 6.70 -10.58
N PHE B 69 7.11 7.14 -11.15
CA PHE B 69 6.24 8.12 -10.49
C PHE B 69 5.55 7.46 -9.29
N GLU B 70 4.97 6.29 -9.48
CA GLU B 70 4.33 5.56 -8.40
C GLU B 70 5.33 5.28 -7.29
N GLU B 71 6.59 4.99 -7.61
CA GLU B 71 7.56 4.67 -6.58
C GLU B 71 7.72 5.86 -5.63
N ASP B 72 7.82 7.07 -6.17
CA ASP B 72 7.98 8.23 -5.29
C ASP B 72 6.71 8.55 -4.50
N PHE B 73 5.53 8.39 -5.10
CA PHE B 73 4.31 8.56 -4.30
C PHE B 73 4.31 7.58 -3.13
N ASN B 74 4.65 6.34 -3.44
CA ASN B 74 4.65 5.30 -2.42
C ASN B 74 5.63 5.62 -1.30
N LEU B 75 6.74 6.29 -1.62
CA LEU B 75 7.66 6.72 -0.57
C LEU B 75 7.04 7.76 0.34
N ILE B 76 6.28 8.70 -0.21
CA ILE B 76 5.63 9.71 0.63
C ILE B 76 4.86 9.00 1.73
N VAL B 77 4.07 7.99 1.36
CA VAL B 77 3.24 7.25 2.30
C VAL B 77 4.07 6.37 3.21
N SER B 78 4.95 5.53 2.63
CA SER B 78 5.68 4.56 3.44
C SER B 78 6.62 5.24 4.43
N ASN B 79 7.25 6.35 4.03
CA ASN B 79 8.12 7.06 4.96
C ASN B 79 7.33 7.56 6.16
N CYS B 80 6.12 8.07 5.91
CA CYS B 80 5.31 8.65 6.96
C CYS B 80 4.84 7.56 7.94
N LEU B 81 4.39 6.43 7.41
CA LEU B 81 4.06 5.30 8.27
C LEU B 81 5.27 4.85 9.08
N LYS B 82 6.44 4.82 8.46
CA LYS B 82 7.63 4.34 9.15
C LYS B 82 8.09 5.27 10.23
N TYR B 83 8.09 6.57 9.98
CA TYR B 83 8.66 7.51 10.93
C TYR B 83 7.73 7.79 12.10
N ASN B 84 6.43 7.99 11.83
CA ASN B 84 5.50 8.52 12.83
C ASN B 84 4.82 7.39 13.62
N ALA B 85 4.58 7.64 14.90
CA ALA B 85 3.88 6.67 15.73
C ALA B 85 2.45 6.49 15.21
N LYS B 86 1.90 5.31 15.45
CA LYS B 86 0.60 4.95 14.93
C LYS B 86 -0.51 5.89 15.38
N ASP B 87 -0.38 6.45 16.59
CA ASP B 87 -1.46 7.27 17.16
C ASP B 87 -1.44 8.73 16.68
N THR B 88 -0.50 9.08 15.82
CA THR B 88 -0.39 10.44 15.35
C THR B 88 -1.29 10.70 14.15
N ILE B 89 -1.67 11.96 13.95
CA ILE B 89 -2.46 12.32 12.79
C ILE B 89 -1.63 12.05 11.52
N PHE B 90 -0.32 12.20 11.60
CA PHE B 90 0.52 11.98 10.43
C PHE B 90 0.40 10.54 9.92
N TYR B 91 0.52 9.59 10.84
CA TYR B 91 0.39 8.18 10.49
C TYR B 91 -1.01 7.92 9.91
N ARG B 92 -2.01 8.41 10.60
CA ARG B 92 -3.40 8.16 10.19
C ARG B 92 -3.69 8.79 8.84
N ALA B 93 -3.15 9.97 8.59
CA ALA B 93 -3.30 10.61 7.29
C ALA B 93 -2.65 9.76 6.19
N ALA B 94 -1.49 9.16 6.47
CA ALA B 94 -0.84 8.29 5.48
C ALA B 94 -1.62 7.02 5.20
N VAL B 95 -2.26 6.43 6.22
CA VAL B 95 -3.13 5.27 6.00
C VAL B 95 -4.22 5.63 5.01
N ARG B 96 -4.85 6.79 5.19
CA ARG B 96 -5.91 7.21 4.27
C ARG B 96 -5.36 7.54 2.89
N LEU B 97 -4.21 8.20 2.83
CA LEU B 97 -3.61 8.56 1.54
C LEU B 97 -3.21 7.29 0.76
N ARG B 98 -2.77 6.25 1.45
CA ARG B 98 -2.49 4.96 0.77
C ARG B 98 -3.73 4.54 -0.03
N GLU B 99 -4.91 4.60 0.59
CA GLU B 99 -6.15 4.16 -0.10
C GLU B 99 -6.55 5.17 -1.17
N GLN B 100 -6.62 6.44 -0.82
CA GLN B 100 -7.15 7.46 -1.73
C GLN B 100 -6.19 7.71 -2.90
N GLY B 101 -4.92 7.79 -2.57
CA GLY B 101 -3.86 7.95 -3.55
C GLY B 101 -3.72 6.70 -4.41
N GLY B 102 -3.86 5.53 -3.80
CA GLY B 102 -3.86 4.31 -4.56
C GLY B 102 -4.93 4.31 -5.64
N ALA B 103 -6.13 4.81 -5.32
CA ALA B 103 -7.22 4.89 -6.32
C ALA B 103 -6.86 5.82 -7.45
N VAL B 104 -6.31 6.98 -7.11
CA VAL B 104 -5.91 7.93 -8.15
C VAL B 104 -4.87 7.31 -9.07
N LEU B 105 -3.87 6.63 -8.51
CA LEU B 105 -2.85 6.01 -9.35
C LEU B 105 -3.39 4.87 -10.19
N ARG B 106 -4.35 4.11 -9.67
CA ARG B 106 -4.92 3.03 -10.46
C ARG B 106 -5.59 3.58 -11.74
N GLN B 107 -6.35 4.66 -11.56
CA GLN B 107 -7.00 5.31 -12.70
C GLN B 107 -5.99 5.90 -13.69
N ALA B 108 -4.96 6.56 -13.18
CA ALA B 108 -3.96 7.21 -14.03
C ALA B 108 -3.09 6.20 -14.78
N ARG B 109 -2.74 5.10 -14.13
CA ARG B 109 -2.00 4.04 -14.81
C ARG B 109 -2.85 3.46 -15.94
N ARG B 110 -4.15 3.27 -15.70
CA ARG B 110 -5.02 2.71 -16.71
C ARG B 110 -5.01 3.61 -17.96
N GLN B 111 -5.05 4.92 -17.75
CA GLN B 111 -4.88 5.87 -18.85
C GLN B 111 -3.49 5.85 -19.50
N ALA B 112 -2.43 5.70 -18.72
CA ALA B 112 -1.06 5.72 -19.25
C ALA B 112 -0.73 4.47 -20.08
N GLU B 113 -1.32 3.35 -19.72
CA GLU B 113 -1.10 2.11 -20.44
C GLU B 113 -2.33 1.85 -21.28
N SER C 2 -2.39 -0.57 21.58
CA SER C 2 -3.79 -0.33 21.13
C SER C 2 -4.63 -1.63 21.04
N THR C 3 -3.97 -2.79 20.95
CA THR C 3 -4.67 -4.09 20.92
C THR C 3 -3.97 -5.08 21.87
N GLY C 4 -4.61 -6.22 22.10
CA GLY C 4 -4.04 -7.29 22.92
C GLY C 4 -2.70 -7.78 22.40
N GLY C 5 -2.61 -7.88 21.07
CA GLY C 5 -1.42 -8.35 20.41
C GLY C 5 -1.46 -9.84 20.19
N ALA C 7 0.90 -13.41 20.27
CA ALA C 7 2.09 -13.94 20.93
C ALA C 7 3.29 -13.80 20.00
N PRO C 8 4.45 -13.36 20.56
CA PRO C 8 5.68 -13.36 19.77
C PRO C 8 5.83 -14.68 19.03
N ARG C 9 6.30 -14.60 17.79
CA ARG C 9 6.28 -15.76 16.91
C ARG C 9 7.22 -16.88 17.34
N SER D 2 9.30 5.14 18.80
CA SER D 2 10.65 4.84 18.25
C SER D 2 11.44 6.07 17.81
N THR D 3 10.74 7.15 17.44
CA THR D 3 11.38 8.36 16.92
C THR D 3 11.02 9.61 17.72
N GLY D 4 11.72 10.72 17.46
CA GLY D 4 11.49 11.98 18.19
C GLY D 4 10.14 12.63 17.94
N GLY D 5 9.64 12.50 16.70
CA GLY D 5 8.32 13.04 16.33
C GLY D 5 8.33 14.42 15.68
N ALA D 7 6.43 18.20 14.82
CA ALA D 7 5.63 19.19 15.55
C ALA D 7 4.13 19.00 15.33
N PRO D 8 3.29 19.25 16.34
CA PRO D 8 1.83 19.12 16.15
C PRO D 8 1.25 20.15 15.16
N ARG D 9 0.10 19.82 14.59
CA ARG D 9 -0.60 20.75 13.68
C ARG D 9 -1.63 21.58 14.45
#